data_1OMX
#
_entry.id   1OMX
#
_cell.length_a   125.903
_cell.length_b   125.903
_cell.length_c   83.068
_cell.angle_alpha   90.00
_cell.angle_beta   90.00
_cell.angle_gamma   90.00
#
_symmetry.space_group_name_H-M   'P 4 21 2'
#
loop_
_entity.id
_entity.type
_entity.pdbx_description
1 polymer 'Alpha-1,4-N-acetylhexosaminyltransferase EXTL2'
2 non-polymer 1,2-ETHANEDIOL
3 water water
#
_entity_poly.entity_id   1
_entity_poly.type   'polypeptide(L)'
_entity_poly.pdbx_seq_one_letter_code
;TNLLPNIKEDKMLTLRREIKSPSKSALDSFTLIMQTYNRTDLLLRLLNHYQAVPSLHKVIVVWNNVGEKGPEELWNSLGP
HPIPVIFKPQTANKMRNRLQVFPEVETNAVLMVDDDTLISAQDLVFAFSIWQQFPDQIIGFVPRKHVSTSSGIYSYGGFE
LQTPGPGNGDQYSMVLIGASFFNSKYLELFQKQPAAVHALIDETQNCDDIAMNFLVTRHTGKPSGIFVKPINMVNLEKET
NGYSGMWHRAEHFLQRSYCINKLVNIYDGMPLKYSNIMISQFGFPYANHKSKM
;
_entity_poly.pdbx_strand_id   A,B
#
# COMPACT_ATOMS: atom_id res chain seq x y z
N ALA A 26 -25.40 0.46 -8.33
CA ALA A 26 -24.51 -0.72 -8.15
C ALA A 26 -23.07 -0.36 -8.49
N LEU A 27 -22.91 0.64 -9.35
CA LEU A 27 -21.59 1.09 -9.76
C LEU A 27 -20.89 1.77 -8.57
N ASP A 28 -19.66 1.37 -8.30
CA ASP A 28 -18.88 1.96 -7.21
C ASP A 28 -19.55 1.73 -5.85
N SER A 29 -20.24 0.59 -5.73
CA SER A 29 -20.91 0.24 -4.49
C SER A 29 -20.57 -1.19 -4.12
N PHE A 30 -20.87 -1.57 -2.89
CA PHE A 30 -20.56 -2.92 -2.45
C PHE A 30 -21.76 -3.52 -1.73
N THR A 31 -21.79 -4.84 -1.70
CA THR A 31 -22.86 -5.58 -1.04
C THR A 31 -22.34 -6.23 0.22
N LEU A 32 -23.04 -6.02 1.32
CA LEU A 32 -22.66 -6.61 2.58
C LEU A 32 -23.34 -7.98 2.73
N ILE A 33 -22.54 -9.02 2.94
CA ILE A 33 -23.07 -10.36 3.13
C ILE A 33 -22.76 -10.70 4.57
N MET A 34 -23.78 -10.99 5.36
CA MET A 34 -23.56 -11.28 6.76
C MET A 34 -24.33 -12.51 7.25
N GLN A 35 -23.74 -13.21 8.22
CA GLN A 35 -24.37 -14.39 8.81
C GLN A 35 -24.63 -14.13 10.28
N THR A 36 -25.81 -14.50 10.75
CA THR A 36 -26.16 -14.29 12.15
C THR A 36 -26.59 -15.60 12.80
N TYR A 37 -26.15 -15.82 14.04
CA TYR A 37 -26.48 -17.04 14.77
C TYR A 37 -27.18 -16.75 16.08
N ASN A 38 -28.51 -16.84 16.08
CA ASN A 38 -29.31 -16.57 17.26
C ASN A 38 -28.81 -15.33 17.99
N ARG A 39 -29.31 -14.17 17.60
CA ARG A 39 -28.94 -12.90 18.20
C ARG A 39 -29.70 -11.74 17.56
N THR A 40 -31.02 -11.89 17.48
CA THR A 40 -31.88 -10.87 16.88
C THR A 40 -31.60 -9.46 17.41
N ASP A 41 -31.51 -9.33 18.73
CA ASP A 41 -31.23 -8.03 19.32
C ASP A 41 -29.93 -7.50 18.76
N LEU A 42 -28.90 -8.34 18.83
CA LEU A 42 -27.57 -7.99 18.34
C LEU A 42 -27.57 -7.71 16.83
N LEU A 43 -28.17 -8.60 16.06
CA LEU A 43 -28.23 -8.47 14.60
C LEU A 43 -28.77 -7.11 14.16
N LEU A 44 -29.92 -6.72 14.69
CA LEU A 44 -30.55 -5.45 14.32
C LEU A 44 -29.72 -4.28 14.76
N ARG A 45 -28.96 -4.45 15.83
CA ARG A 45 -28.09 -3.39 16.32
C ARG A 45 -27.02 -3.15 15.24
N LEU A 46 -26.32 -4.21 14.86
CA LEU A 46 -25.28 -4.12 13.84
C LEU A 46 -25.84 -3.62 12.52
N LEU A 47 -27.04 -4.10 12.18
CA LEU A 47 -27.70 -3.71 10.95
C LEU A 47 -28.02 -2.21 10.96
N ASN A 48 -28.43 -1.69 12.11
CA ASN A 48 -28.73 -0.27 12.22
C ASN A 48 -27.46 0.52 11.89
N HIS A 49 -26.32 -0.05 12.25
CA HIS A 49 -25.04 0.58 11.99
C HIS A 49 -24.65 0.51 10.51
N TYR A 50 -24.54 -0.71 9.99
CA TYR A 50 -24.14 -0.92 8.60
C TYR A 50 -25.02 -0.31 7.51
N GLN A 51 -26.32 -0.16 7.78
CA GLN A 51 -27.23 0.40 6.79
C GLN A 51 -26.82 1.81 6.36
N ALA A 52 -26.17 2.53 7.28
CA ALA A 52 -25.74 3.91 7.03
C ALA A 52 -24.31 4.12 6.53
N VAL A 53 -23.63 3.04 6.12
CA VAL A 53 -22.27 3.18 5.62
C VAL A 53 -22.33 3.62 4.15
N PRO A 54 -21.58 4.66 3.79
CA PRO A 54 -21.59 5.14 2.41
C PRO A 54 -21.19 4.06 1.42
N SER A 55 -21.70 4.17 0.20
CA SER A 55 -21.39 3.20 -0.86
C SER A 55 -22.00 1.83 -0.67
N LEU A 56 -22.80 1.62 0.38
CA LEU A 56 -23.44 0.32 0.57
C LEU A 56 -24.62 0.26 -0.39
N HIS A 57 -24.67 -0.78 -1.21
CA HIS A 57 -25.74 -0.90 -2.17
C HIS A 57 -26.88 -1.76 -1.71
N LYS A 58 -26.56 -2.79 -0.93
CA LYS A 58 -27.56 -3.72 -0.48
C LYS A 58 -26.95 -4.66 0.53
N VAL A 59 -27.79 -5.21 1.41
CA VAL A 59 -27.33 -6.16 2.42
C VAL A 59 -28.02 -7.50 2.20
N ILE A 60 -27.31 -8.58 2.50
CA ILE A 60 -27.83 -9.93 2.39
C ILE A 60 -27.56 -10.60 3.71
N VAL A 61 -28.62 -10.99 4.40
CA VAL A 61 -28.50 -11.63 5.71
C VAL A 61 -28.84 -13.12 5.69
N VAL A 62 -27.85 -13.96 5.94
CA VAL A 62 -28.10 -15.38 5.99
C VAL A 62 -28.31 -15.71 7.46
N TRP A 63 -29.45 -16.32 7.80
CA TRP A 63 -29.76 -16.67 9.19
C TRP A 63 -30.21 -18.12 9.31
N ASN A 64 -29.84 -18.76 10.42
CA ASN A 64 -30.20 -20.15 10.68
C ASN A 64 -31.68 -20.31 11.06
N ASN A 65 -32.41 -21.04 10.22
CA ASN A 65 -33.83 -21.28 10.42
C ASN A 65 -34.13 -22.31 11.52
N VAL A 66 -35.34 -22.23 12.07
CA VAL A 66 -35.80 -23.14 13.11
C VAL A 66 -37.31 -23.30 13.04
N LYS A 69 -38.77 -17.82 13.88
CA LYS A 69 -39.22 -16.91 12.84
C LYS A 69 -38.18 -15.84 12.51
N GLY A 70 -38.04 -15.53 11.22
CA GLY A 70 -37.06 -14.55 10.77
C GLY A 70 -37.09 -13.17 11.40
N PRO A 71 -36.02 -12.39 11.21
CA PRO A 71 -35.89 -11.03 11.76
C PRO A 71 -36.50 -10.01 10.80
N GLU A 72 -36.70 -10.43 9.56
CA GLU A 72 -37.24 -9.57 8.51
C GLU A 72 -38.45 -8.71 8.90
N GLU A 73 -39.49 -9.34 9.44
CA GLU A 73 -40.69 -8.60 9.82
C GLU A 73 -40.38 -7.47 10.80
N LEU A 74 -39.56 -7.79 11.81
CA LEU A 74 -39.18 -6.78 12.79
C LEU A 74 -38.38 -5.68 12.10
N TRP A 75 -37.40 -6.07 11.31
CA TRP A 75 -36.59 -5.10 10.60
C TRP A 75 -37.47 -4.16 9.76
N ASN A 76 -38.39 -4.72 8.98
CA ASN A 76 -39.26 -3.91 8.16
C ASN A 76 -40.16 -2.99 8.98
N SER A 77 -40.62 -3.48 10.13
CA SER A 77 -41.51 -2.68 10.97
C SER A 77 -40.83 -1.43 11.49
N LEU A 78 -39.50 -1.44 11.54
CA LEU A 78 -38.74 -0.29 12.01
C LEU A 78 -38.12 0.49 10.85
N GLY A 79 -38.75 0.39 9.69
CA GLY A 79 -38.27 1.10 8.52
C GLY A 79 -38.57 2.58 8.64
N PRO A 80 -38.25 3.38 7.60
CA PRO A 80 -37.62 2.99 6.34
C PRO A 80 -36.12 2.77 6.48
N HIS A 81 -35.51 2.22 5.44
CA HIS A 81 -34.08 1.97 5.45
C HIS A 81 -33.40 2.47 4.17
N PRO A 82 -32.14 2.90 4.27
CA PRO A 82 -31.34 3.41 3.16
C PRO A 82 -31.19 2.43 2.00
N ILE A 83 -30.99 1.15 2.31
CA ILE A 83 -30.83 0.15 1.26
C ILE A 83 -31.63 -1.12 1.47
N PRO A 84 -31.80 -1.91 0.42
CA PRO A 84 -32.54 -3.17 0.51
C PRO A 84 -31.77 -4.19 1.34
N VAL A 85 -32.46 -4.90 2.23
CA VAL A 85 -31.84 -5.93 3.02
C VAL A 85 -32.58 -7.22 2.67
N ILE A 86 -31.86 -8.20 2.18
CA ILE A 86 -32.45 -9.47 1.78
C ILE A 86 -32.19 -10.57 2.78
N PHE A 87 -33.25 -11.11 3.36
CA PHE A 87 -33.10 -12.18 4.34
C PHE A 87 -33.24 -13.56 3.68
N LYS A 88 -32.27 -14.42 3.93
CA LYS A 88 -32.30 -15.76 3.34
C LYS A 88 -32.13 -16.82 4.42
N PRO A 89 -33.20 -17.58 4.68
CA PRO A 89 -33.26 -18.66 5.66
C PRO A 89 -32.35 -19.80 5.23
N GLN A 90 -31.61 -20.37 6.17
CA GLN A 90 -30.71 -21.47 5.84
C GLN A 90 -30.54 -22.41 7.02
N THR A 91 -30.25 -23.67 6.71
CA THR A 91 -30.03 -24.68 7.74
C THR A 91 -28.63 -24.43 8.30
N ALA A 92 -28.35 -24.94 9.49
CA ALA A 92 -27.02 -24.76 10.06
C ALA A 92 -26.01 -25.40 9.11
N ASN A 93 -26.47 -26.43 8.40
CA ASN A 93 -25.63 -27.14 7.45
C ASN A 93 -25.05 -26.24 6.36
N LYS A 94 -25.89 -25.81 5.42
CA LYS A 94 -25.43 -24.96 4.34
C LYS A 94 -24.65 -23.72 4.82
N MET A 95 -25.11 -23.10 5.89
CA MET A 95 -24.45 -21.91 6.41
C MET A 95 -22.97 -22.13 6.74
N ARG A 96 -22.58 -23.38 6.94
CA ARG A 96 -21.19 -23.68 7.23
C ARG A 96 -20.35 -23.12 6.09
N ASN A 97 -20.99 -22.94 4.95
CA ASN A 97 -20.37 -22.45 3.73
C ASN A 97 -20.68 -20.97 3.49
N ARG A 98 -19.68 -20.11 3.65
CA ARG A 98 -19.83 -18.68 3.46
C ARG A 98 -19.52 -18.25 2.03
N LEU A 99 -19.04 -19.19 1.23
CA LEU A 99 -18.67 -18.88 -0.15
C LEU A 99 -19.78 -19.17 -1.15
N GLN A 100 -20.99 -18.79 -0.79
CA GLN A 100 -22.14 -19.02 -1.67
C GLN A 100 -22.27 -17.91 -2.71
N VAL A 101 -23.02 -18.19 -3.76
CA VAL A 101 -23.26 -17.21 -4.82
C VAL A 101 -24.72 -16.82 -4.73
N PHE A 102 -24.97 -15.56 -4.39
CA PHE A 102 -26.33 -15.07 -4.28
C PHE A 102 -26.65 -14.25 -5.52
N PRO A 103 -27.72 -14.61 -6.24
CA PRO A 103 -28.09 -13.87 -7.44
C PRO A 103 -28.41 -12.39 -7.16
N GLU A 104 -28.75 -12.08 -5.91
CA GLU A 104 -29.07 -10.72 -5.53
C GLU A 104 -27.88 -9.75 -5.57
N VAL A 105 -26.66 -10.28 -5.43
CA VAL A 105 -25.46 -9.43 -5.47
C VAL A 105 -25.28 -8.85 -6.86
N GLU A 106 -25.36 -7.52 -6.98
CA GLU A 106 -25.22 -6.87 -8.29
C GLU A 106 -23.94 -6.04 -8.40
N THR A 107 -23.15 -6.03 -7.32
CA THR A 107 -21.90 -5.25 -7.31
C THR A 107 -20.63 -6.07 -7.55
N ASN A 108 -19.56 -5.38 -7.94
CA ASN A 108 -18.28 -6.08 -8.19
C ASN A 108 -17.63 -6.49 -6.87
N ALA A 109 -17.85 -5.69 -5.84
CA ALA A 109 -17.25 -5.97 -4.55
C ALA A 109 -18.25 -6.46 -3.52
N VAL A 110 -17.74 -7.24 -2.59
CA VAL A 110 -18.54 -7.79 -1.53
C VAL A 110 -17.85 -7.51 -0.21
N LEU A 111 -18.62 -7.13 0.80
CA LEU A 111 -18.09 -6.90 2.14
C LEU A 111 -18.69 -8.03 2.96
N MET A 112 -17.85 -8.77 3.67
CA MET A 112 -18.31 -9.88 4.48
C MET A 112 -17.94 -9.60 5.94
N VAL A 113 -18.90 -9.75 6.84
CA VAL A 113 -18.66 -9.48 8.25
C VAL A 113 -19.44 -10.44 9.15
N ASP A 114 -18.78 -10.91 10.20
CA ASP A 114 -19.42 -11.81 11.15
C ASP A 114 -20.43 -10.96 11.94
N ASP A 115 -21.52 -11.57 12.41
CA ASP A 115 -22.53 -10.83 13.15
C ASP A 115 -22.14 -10.59 14.59
N ASP A 116 -20.84 -10.60 14.86
CA ASP A 116 -20.34 -10.37 16.20
C ASP A 116 -19.19 -9.38 16.05
N THR A 117 -19.28 -8.54 15.00
CA THR A 117 -18.23 -7.58 14.73
C THR A 117 -18.75 -6.24 14.22
N LEU A 118 -18.33 -5.17 14.89
CA LEU A 118 -18.72 -3.82 14.51
C LEU A 118 -17.50 -3.11 13.90
N ILE A 119 -17.55 -2.82 12.60
CA ILE A 119 -16.46 -2.13 11.91
C ILE A 119 -16.90 -0.69 11.64
N SER A 120 -16.19 0.27 12.22
CA SER A 120 -16.52 1.68 12.05
C SER A 120 -16.75 2.00 10.58
N ALA A 121 -17.62 2.97 10.32
CA ALA A 121 -17.91 3.37 8.95
C ALA A 121 -16.64 3.95 8.33
N GLN A 122 -15.82 4.58 9.14
CA GLN A 122 -14.59 5.17 8.64
C GLN A 122 -13.64 4.10 8.11
N ASP A 123 -13.55 2.95 8.80
CA ASP A 123 -12.67 1.88 8.32
C ASP A 123 -13.18 1.31 7.02
N LEU A 124 -14.50 1.14 6.94
CA LEU A 124 -15.13 0.58 5.75
C LEU A 124 -14.96 1.50 4.55
N VAL A 125 -15.27 2.78 4.74
CA VAL A 125 -15.14 3.73 3.66
C VAL A 125 -13.72 3.78 3.12
N PHE A 126 -12.74 3.68 4.02
CA PHE A 126 -11.36 3.74 3.59
C PHE A 126 -10.93 2.41 2.98
N ALA A 127 -11.32 1.31 3.61
CA ALA A 127 -10.97 -0.01 3.11
C ALA A 127 -11.57 -0.22 1.72
N PHE A 128 -12.81 0.23 1.51
CA PHE A 128 -13.45 0.06 0.21
C PHE A 128 -12.65 0.82 -0.85
N SER A 129 -12.19 2.03 -0.51
CA SER A 129 -11.44 2.82 -1.48
C SER A 129 -10.12 2.13 -1.84
N ILE A 130 -9.59 1.32 -0.94
CA ILE A 130 -8.35 0.60 -1.22
C ILE A 130 -8.69 -0.59 -2.13
N TRP A 131 -9.82 -1.24 -1.86
CA TRP A 131 -10.25 -2.37 -2.68
C TRP A 131 -10.44 -1.90 -4.12
N GLN A 132 -11.00 -0.70 -4.30
CA GLN A 132 -11.20 -0.18 -5.65
C GLN A 132 -9.92 -0.06 -6.45
N GLN A 133 -8.79 0.12 -5.77
CA GLN A 133 -7.51 0.24 -6.45
C GLN A 133 -6.82 -1.11 -6.62
N PHE A 134 -7.29 -2.12 -5.89
CA PHE A 134 -6.74 -3.48 -5.95
C PHE A 134 -7.92 -4.43 -5.91
N PRO A 135 -8.87 -4.27 -6.86
CA PRO A 135 -10.07 -5.11 -6.92
C PRO A 135 -9.90 -6.61 -7.07
N ASP A 136 -8.67 -7.05 -7.33
CA ASP A 136 -8.42 -8.48 -7.50
C ASP A 136 -7.80 -9.09 -6.24
N GLN A 137 -7.68 -8.29 -5.19
CA GLN A 137 -7.12 -8.77 -3.93
C GLN A 137 -8.14 -8.66 -2.79
N ILE A 138 -7.89 -9.40 -1.72
CA ILE A 138 -8.77 -9.39 -0.55
C ILE A 138 -8.29 -8.28 0.38
N ILE A 139 -9.06 -7.19 0.45
CA ILE A 139 -8.69 -6.08 1.30
C ILE A 139 -9.40 -6.24 2.63
N GLY A 140 -8.65 -6.61 3.66
CA GLY A 140 -9.25 -6.86 4.96
C GLY A 140 -8.51 -6.44 6.20
N PHE A 141 -9.15 -6.67 7.34
CA PHE A 141 -8.60 -6.28 8.62
C PHE A 141 -7.95 -7.35 9.49
N VAL A 142 -8.05 -8.61 9.09
CA VAL A 142 -7.45 -9.67 9.88
C VAL A 142 -6.42 -10.48 9.08
N PRO A 143 -5.12 -10.21 9.29
CA PRO A 143 -4.05 -10.91 8.59
C PRO A 143 -3.66 -12.16 9.36
N ARG A 144 -3.17 -13.16 8.64
CA ARG A 144 -2.76 -14.41 9.24
C ARG A 144 -1.69 -15.01 8.34
N LYS A 145 -1.01 -16.05 8.81
CA LYS A 145 0.01 -16.66 7.98
C LYS A 145 0.17 -18.16 8.18
N HIS A 146 0.99 -18.75 7.32
CA HIS A 146 1.32 -20.16 7.40
C HIS A 146 2.83 -20.17 7.67
N VAL A 147 3.31 -21.19 8.37
CA VAL A 147 4.73 -21.30 8.64
C VAL A 147 5.13 -22.74 8.38
N SER A 148 6.42 -22.98 8.19
CA SER A 148 6.91 -24.33 7.97
C SER A 148 8.28 -24.53 8.59
N THR A 149 8.41 -25.52 9.47
CA THR A 149 9.70 -25.80 10.10
C THR A 149 10.19 -27.16 9.62
N SER A 150 9.43 -27.73 8.69
CA SER A 150 9.77 -29.02 8.09
C SER A 150 9.17 -29.08 6.70
N SER A 151 10.05 -29.14 5.70
CA SER A 151 9.63 -29.17 4.29
C SER A 151 8.30 -29.83 4.01
N GLY A 152 7.39 -29.07 3.41
CA GLY A 152 6.09 -29.59 3.07
C GLY A 152 5.05 -29.53 4.17
N ILE A 153 5.47 -29.42 5.44
CA ILE A 153 4.49 -29.36 6.52
C ILE A 153 4.28 -27.94 7.05
N TYR A 154 3.07 -27.42 6.82
CA TYR A 154 2.72 -26.08 7.22
C TYR A 154 1.85 -26.01 8.46
N SER A 155 1.80 -24.82 9.06
CA SER A 155 1.00 -24.55 10.26
C SER A 155 0.35 -23.19 10.09
N TYR A 156 -0.84 -23.04 10.64
CA TYR A 156 -1.59 -21.79 10.56
C TYR A 156 -1.36 -20.97 11.82
N GLY A 157 -1.29 -19.66 11.66
CA GLY A 157 -1.09 -18.82 12.83
C GLY A 157 -1.13 -17.32 12.57
N GLY A 158 -0.76 -16.57 13.60
CA GLY A 158 -0.74 -15.11 13.53
C GLY A 158 0.62 -14.59 13.97
N PHE A 159 0.65 -13.43 14.61
CA PHE A 159 1.93 -12.85 14.99
C PHE A 159 2.65 -13.54 16.17
N GLU A 160 1.99 -14.49 16.83
CA GLU A 160 2.64 -15.20 17.94
C GLU A 160 3.71 -16.14 17.38
N LEU A 161 3.66 -16.35 16.06
CA LEU A 161 4.62 -17.23 15.41
C LEU A 161 5.73 -16.44 14.72
N GLN A 162 6.92 -17.05 14.69
CA GLN A 162 8.10 -16.47 14.09
C GLN A 162 7.90 -16.15 12.61
N THR A 163 8.41 -14.99 12.20
CA THR A 163 8.30 -14.57 10.81
C THR A 163 9.03 -15.59 9.92
N PRO A 164 8.39 -16.01 8.82
CA PRO A 164 9.03 -16.98 7.93
C PRO A 164 9.98 -16.18 7.03
N GLY A 165 9.51 -14.98 6.69
CA GLY A 165 10.23 -14.05 5.83
C GLY A 165 11.71 -13.78 6.02
N PRO A 166 12.26 -12.90 5.16
CA PRO A 166 13.67 -12.45 5.10
C PRO A 166 14.29 -11.90 6.38
N GLY A 167 14.27 -10.58 6.50
CA GLY A 167 14.86 -9.94 7.66
C GLY A 167 13.92 -9.68 8.83
N ASN A 168 13.76 -8.41 9.17
CA ASN A 168 12.92 -7.98 10.29
C ASN A 168 11.42 -7.96 10.02
N GLY A 169 10.68 -7.43 11.00
CA GLY A 169 9.24 -7.34 10.88
C GLY A 169 8.59 -8.71 10.76
N ASP A 170 7.33 -8.74 10.39
CA ASP A 170 6.60 -9.99 10.26
C ASP A 170 6.01 -10.10 8.86
N GLN A 171 5.28 -11.17 8.62
CA GLN A 171 4.66 -11.39 7.32
C GLN A 171 3.29 -12.01 7.53
N TYR A 172 2.44 -11.89 6.53
CA TYR A 172 1.11 -12.50 6.56
C TYR A 172 0.96 -13.00 5.15
N SER A 173 0.33 -14.16 4.98
CA SER A 173 0.14 -14.74 3.65
C SER A 173 -1.34 -14.86 3.35
N MET A 174 -2.16 -14.51 4.35
CA MET A 174 -3.60 -14.55 4.20
C MET A 174 -4.30 -13.37 4.89
N VAL A 175 -5.49 -13.07 4.38
CA VAL A 175 -6.33 -12.04 4.92
C VAL A 175 -7.67 -12.75 5.00
N LEU A 176 -8.22 -12.87 6.20
CA LEU A 176 -9.50 -13.57 6.39
C LEU A 176 -10.64 -12.85 5.67
N ILE A 177 -11.63 -13.60 5.22
CA ILE A 177 -12.75 -13.00 4.49
C ILE A 177 -13.73 -12.28 5.39
N GLY A 178 -13.78 -12.67 6.66
CA GLY A 178 -14.65 -11.97 7.59
C GLY A 178 -13.93 -10.65 7.81
N ALA A 179 -14.65 -9.53 7.79
CA ALA A 179 -14.00 -8.24 7.94
C ALA A 179 -13.11 -7.96 6.73
N SER A 180 -13.60 -8.27 5.54
CA SER A 180 -12.83 -8.02 4.33
C SER A 180 -13.73 -7.65 3.17
N PHE A 181 -13.13 -6.99 2.18
CA PHE A 181 -13.80 -6.58 0.95
C PHE A 181 -13.14 -7.44 -0.14
N PHE A 182 -13.92 -8.03 -1.04
CA PHE A 182 -13.31 -8.80 -2.11
C PHE A 182 -14.22 -8.91 -3.31
N ASN A 183 -13.65 -9.28 -4.45
CA ASN A 183 -14.42 -9.39 -5.70
C ASN A 183 -15.46 -10.50 -5.66
N SER A 184 -16.69 -10.17 -6.04
CA SER A 184 -17.77 -11.15 -6.03
C SER A 184 -17.48 -12.28 -7.01
N LYS A 185 -16.71 -11.96 -8.05
CA LYS A 185 -16.36 -12.98 -9.04
C LYS A 185 -15.65 -14.17 -8.38
N TYR A 186 -14.91 -13.91 -7.31
CA TYR A 186 -14.21 -14.99 -6.62
C TYR A 186 -15.16 -16.02 -6.05
N LEU A 187 -16.41 -15.63 -5.85
CA LEU A 187 -17.39 -16.57 -5.32
C LEU A 187 -17.79 -17.49 -6.45
N GLU A 188 -17.86 -16.95 -7.66
CA GLU A 188 -18.21 -17.75 -8.82
C GLU A 188 -17.00 -18.64 -9.13
N LEU A 189 -15.80 -18.07 -9.02
CA LEU A 189 -14.58 -18.82 -9.29
C LEU A 189 -14.40 -19.96 -8.28
N PHE A 190 -14.85 -19.76 -7.06
CA PHE A 190 -14.73 -20.82 -6.07
C PHE A 190 -15.50 -22.04 -6.53
N GLN A 191 -16.75 -21.82 -6.94
CA GLN A 191 -17.61 -22.91 -7.39
C GLN A 191 -16.93 -23.74 -8.48
N LYS A 192 -15.96 -23.17 -9.17
CA LYS A 192 -15.26 -23.89 -10.23
C LYS A 192 -14.02 -24.65 -9.79
N GLN A 193 -13.76 -24.69 -8.48
CA GLN A 193 -12.61 -25.41 -7.97
C GLN A 193 -12.84 -26.92 -7.99
N PRO A 194 -11.75 -27.71 -8.04
CA PRO A 194 -11.84 -29.17 -8.08
C PRO A 194 -12.75 -29.71 -7.01
N ALA A 195 -13.41 -30.83 -7.31
CA ALA A 195 -14.31 -31.45 -6.36
C ALA A 195 -13.63 -31.68 -5.02
N ALA A 196 -12.35 -32.05 -5.05
CA ALA A 196 -11.61 -32.31 -3.82
C ALA A 196 -11.63 -31.12 -2.85
N VAL A 197 -11.62 -29.91 -3.40
CA VAL A 197 -11.67 -28.71 -2.56
C VAL A 197 -13.07 -28.58 -1.95
N HIS A 198 -14.10 -28.73 -2.78
CA HIS A 198 -15.48 -28.63 -2.32
C HIS A 198 -15.72 -29.64 -1.20
N ALA A 199 -15.26 -30.88 -1.40
CA ALA A 199 -15.44 -31.92 -0.41
C ALA A 199 -14.71 -31.59 0.88
N LEU A 200 -13.47 -31.10 0.75
CA LEU A 200 -12.68 -30.75 1.91
C LEU A 200 -13.40 -29.69 2.74
N ILE A 201 -13.85 -28.64 2.06
CA ILE A 201 -14.54 -27.55 2.72
C ILE A 201 -15.81 -27.99 3.43
N ASP A 202 -16.55 -28.91 2.82
CA ASP A 202 -17.78 -29.38 3.43
C ASP A 202 -17.50 -30.30 4.60
N GLU A 203 -16.34 -30.95 4.58
CA GLU A 203 -15.97 -31.86 5.67
C GLU A 203 -15.45 -31.06 6.86
N THR A 204 -14.53 -30.13 6.63
CA THR A 204 -13.98 -29.33 7.71
C THR A 204 -14.86 -28.13 8.01
N GLN A 205 -15.03 -27.86 9.31
CA GLN A 205 -15.84 -26.75 9.80
C GLN A 205 -15.72 -25.49 8.95
N ASN A 206 -14.84 -24.58 9.35
CA ASN A 206 -14.62 -23.36 8.60
C ASN A 206 -13.76 -23.68 7.39
N CYS A 207 -12.54 -23.16 7.39
CA CYS A 207 -11.59 -23.41 6.31
C CYS A 207 -11.88 -22.79 4.93
N ASP A 208 -13.07 -22.21 4.74
CA ASP A 208 -13.32 -21.58 3.44
C ASP A 208 -12.31 -20.44 3.28
N ASP A 209 -11.94 -19.84 4.40
CA ASP A 209 -10.94 -18.76 4.44
C ASP A 209 -9.68 -19.21 3.70
N ILE A 210 -9.18 -20.38 4.11
CA ILE A 210 -7.97 -20.94 3.51
C ILE A 210 -8.21 -21.13 2.02
N ALA A 211 -9.33 -21.76 1.68
CA ALA A 211 -9.65 -22.01 0.29
C ALA A 211 -9.67 -20.71 -0.52
N MET A 212 -10.35 -19.70 0.00
CA MET A 212 -10.41 -18.42 -0.69
C MET A 212 -9.03 -17.81 -0.93
N ASN A 213 -8.20 -17.76 0.12
CA ASN A 213 -6.86 -17.19 -0.05
C ASN A 213 -6.03 -18.00 -1.05
N PHE A 214 -6.19 -19.32 -1.06
CA PHE A 214 -5.45 -20.18 -2.00
C PHE A 214 -5.90 -19.80 -3.41
N LEU A 215 -7.21 -19.80 -3.59
CA LEU A 215 -7.86 -19.49 -4.84
C LEU A 215 -7.44 -18.14 -5.42
N VAL A 216 -7.50 -17.10 -4.59
CA VAL A 216 -7.17 -15.76 -5.04
C VAL A 216 -5.72 -15.60 -5.49
N THR A 217 -4.77 -16.07 -4.69
CA THR A 217 -3.37 -15.91 -5.08
C THR A 217 -3.05 -16.73 -6.35
N ARG A 218 -3.64 -17.91 -6.47
CA ARG A 218 -3.41 -18.74 -7.66
C ARG A 218 -3.87 -17.97 -8.89
N HIS A 219 -4.98 -17.26 -8.75
CA HIS A 219 -5.53 -16.51 -9.87
C HIS A 219 -4.77 -15.24 -10.23
N THR A 220 -4.15 -14.59 -9.25
CA THR A 220 -3.46 -13.34 -9.55
C THR A 220 -1.93 -13.40 -9.56
N GLY A 221 -1.35 -14.40 -8.92
CA GLY A 221 0.11 -14.47 -8.87
C GLY A 221 0.66 -13.45 -7.89
N LYS A 222 -0.23 -12.87 -7.09
CA LYS A 222 0.16 -11.87 -6.09
C LYS A 222 -0.33 -12.31 -4.72
N PRO A 223 0.07 -11.59 -3.67
CA PRO A 223 -0.39 -11.96 -2.33
C PRO A 223 -1.92 -11.93 -2.41
N SER A 224 -2.57 -12.93 -1.82
CA SER A 224 -4.02 -13.01 -1.89
C SER A 224 -4.72 -11.76 -1.37
N GLY A 225 -4.11 -11.09 -0.38
CA GLY A 225 -4.73 -9.90 0.15
C GLY A 225 -3.76 -8.83 0.61
N ILE A 226 -4.32 -7.71 1.07
CA ILE A 226 -3.55 -6.60 1.58
C ILE A 226 -4.18 -6.20 2.91
N PHE A 227 -3.36 -6.16 3.96
CA PHE A 227 -3.82 -5.80 5.29
C PHE A 227 -3.98 -4.29 5.47
N VAL A 228 -5.19 -3.87 5.84
CA VAL A 228 -5.48 -2.48 6.11
C VAL A 228 -5.68 -2.42 7.63
N LYS A 229 -4.86 -1.62 8.30
CA LYS A 229 -4.95 -1.50 9.75
C LYS A 229 -6.23 -0.82 10.20
N PRO A 230 -7.08 -1.52 10.95
CA PRO A 230 -8.35 -0.96 11.44
C PRO A 230 -8.14 0.08 12.55
N ILE A 231 -8.91 1.15 12.49
CA ILE A 231 -8.83 2.19 13.49
C ILE A 231 -9.84 1.88 14.59
N ASN A 232 -11.03 1.46 14.18
CA ASN A 232 -12.08 1.17 15.14
C ASN A 232 -12.95 -0.02 14.77
N MET A 233 -12.46 -1.22 15.10
CA MET A 233 -13.18 -2.47 14.85
C MET A 233 -13.35 -3.18 16.19
N VAL A 234 -14.58 -3.59 16.49
CA VAL A 234 -14.85 -4.25 17.77
C VAL A 234 -15.57 -5.59 17.63
N ASN A 235 -15.25 -6.52 18.52
CA ASN A 235 -15.89 -7.82 18.51
C ASN A 235 -16.82 -7.88 19.72
N LEU A 236 -18.09 -7.58 19.49
CA LEU A 236 -19.10 -7.61 20.55
C LEU A 236 -19.40 -9.04 21.02
N ALA A 250 -15.29 -18.73 15.83
CA ALA A 250 -14.04 -19.19 16.44
C ALA A 250 -13.09 -19.72 15.37
N GLU A 251 -11.81 -19.35 15.48
CA GLU A 251 -10.82 -19.82 14.54
C GLU A 251 -10.38 -21.20 14.99
N HIS A 252 -10.57 -22.19 14.14
CA HIS A 252 -10.14 -23.54 14.48
C HIS A 252 -8.74 -23.66 13.93
N PHE A 253 -7.78 -23.08 14.66
CA PHE A 253 -6.38 -23.06 14.28
C PHE A 253 -5.83 -24.39 13.79
N LEU A 254 -6.04 -25.46 14.56
CA LEU A 254 -5.54 -26.77 14.17
C LEU A 254 -6.17 -27.21 12.85
N GLN A 255 -7.49 -27.06 12.75
CA GLN A 255 -8.19 -27.44 11.53
C GLN A 255 -7.71 -26.65 10.32
N ARG A 256 -7.37 -25.39 10.54
CA ARG A 256 -6.88 -24.56 9.45
C ARG A 256 -5.48 -25.02 9.05
N SER A 257 -4.71 -25.52 10.00
CA SER A 257 -3.39 -26.02 9.68
C SER A 257 -3.62 -27.25 8.79
N TYR A 258 -4.56 -28.08 9.20
CA TYR A 258 -4.93 -29.29 8.48
C TYR A 258 -5.37 -28.95 7.05
N CYS A 259 -6.24 -27.95 6.91
CA CYS A 259 -6.72 -27.55 5.58
C CYS A 259 -5.62 -27.07 4.66
N ILE A 260 -4.67 -26.31 5.20
CA ILE A 260 -3.57 -25.80 4.40
C ILE A 260 -2.83 -26.98 3.76
N ASN A 261 -2.49 -27.97 4.58
CA ASN A 261 -1.78 -29.14 4.09
C ASN A 261 -2.65 -29.92 3.11
N LYS A 262 -3.93 -30.08 3.43
CA LYS A 262 -4.82 -30.77 2.51
C LYS A 262 -4.84 -30.05 1.16
N LEU A 263 -5.00 -28.73 1.20
CA LEU A 263 -5.04 -27.94 -0.02
C LEU A 263 -3.69 -27.92 -0.74
N VAL A 264 -2.60 -28.14 -0.01
CA VAL A 264 -1.29 -28.16 -0.65
C VAL A 264 -1.23 -29.46 -1.47
N ASN A 265 -1.80 -30.52 -0.90
CA ASN A 265 -1.84 -31.83 -1.56
C ASN A 265 -2.74 -31.76 -2.80
N ILE A 266 -3.92 -31.21 -2.62
CA ILE A 266 -4.89 -31.10 -3.70
C ILE A 266 -4.42 -30.28 -4.89
N TYR A 267 -3.81 -29.12 -4.62
CA TYR A 267 -3.31 -28.27 -5.70
C TYR A 267 -1.88 -28.63 -6.08
N ASP A 268 -1.29 -29.55 -5.32
CA ASP A 268 0.08 -29.99 -5.57
C ASP A 268 1.02 -28.79 -5.61
N GLY A 269 0.99 -28.00 -4.54
CA GLY A 269 1.83 -26.81 -4.44
C GLY A 269 1.29 -25.82 -3.42
N MET A 270 2.20 -25.03 -2.83
CA MET A 270 1.82 -24.02 -1.83
C MET A 270 1.92 -22.69 -2.59
N PRO A 271 0.77 -22.04 -2.87
CA PRO A 271 0.71 -20.78 -3.61
C PRO A 271 0.75 -19.50 -2.78
N LEU A 272 0.42 -19.62 -1.48
CA LEU A 272 0.41 -18.46 -0.61
C LEU A 272 1.72 -17.70 -0.68
N LYS A 273 1.62 -16.40 -0.92
CA LYS A 273 2.79 -15.54 -1.01
C LYS A 273 2.77 -14.58 0.16
N TYR A 274 3.94 -14.35 0.74
CA TYR A 274 4.07 -13.46 1.90
C TYR A 274 4.08 -11.99 1.52
N SER A 275 3.64 -11.16 2.46
CA SER A 275 3.62 -9.72 2.26
C SER A 275 3.74 -9.06 3.61
N ASN A 276 4.42 -7.93 3.65
CA ASN A 276 4.54 -7.20 4.90
C ASN A 276 4.01 -5.79 4.71
N ILE A 277 3.07 -5.66 3.78
CA ILE A 277 2.45 -4.37 3.51
C ILE A 277 1.28 -4.08 4.44
N MET A 278 1.40 -3.02 5.23
CA MET A 278 0.30 -2.63 6.10
C MET A 278 -0.13 -1.24 5.66
N ILE A 279 -1.38 -1.09 5.27
CA ILE A 279 -1.89 0.20 4.81
C ILE A 279 -2.71 0.92 5.88
N SER A 280 -2.47 2.22 6.00
CA SER A 280 -3.21 3.06 6.93
C SER A 280 -3.61 4.28 6.17
N GLN A 281 -4.61 4.99 6.67
CA GLN A 281 -5.08 6.19 5.99
C GLN A 281 -4.24 7.40 6.33
N PHE A 282 -3.71 8.05 5.30
CA PHE A 282 -2.89 9.24 5.49
C PHE A 282 -3.69 10.33 6.19
N GLY A 283 -3.22 10.76 7.34
CA GLY A 283 -3.90 11.83 8.06
C GLY A 283 -5.04 11.43 8.97
N PHE A 284 -5.33 10.14 9.07
CA PHE A 284 -6.42 9.67 9.93
C PHE A 284 -5.94 8.50 10.78
N PRO A 285 -5.70 8.75 12.09
CA PRO A 285 -5.83 10.00 12.83
C PRO A 285 -4.88 11.11 12.38
N TYR A 286 -5.24 12.35 12.71
CA TYR A 286 -4.46 13.52 12.35
C TYR A 286 -2.97 13.38 12.69
N ALA A 287 -2.11 13.83 11.77
CA ALA A 287 -0.67 13.77 11.95
C ALA A 287 -0.13 12.38 12.24
N ASN A 288 -0.80 11.34 11.76
CA ASN A 288 -0.34 9.98 12.01
C ASN A 288 0.84 9.62 11.11
N HIS A 289 1.16 10.52 10.19
CA HIS A 289 2.28 10.29 9.27
C HIS A 289 3.63 10.60 9.91
N LYS A 290 3.62 11.25 11.08
CA LYS A 290 4.85 11.57 11.77
C LYS A 290 4.88 11.04 13.21
N ALA B 26 22.64 -6.86 -9.99
CA ALA B 26 22.10 -5.53 -10.43
C ALA B 26 20.61 -5.56 -10.75
N LEU B 27 20.07 -6.73 -11.07
CA LEU B 27 18.66 -6.84 -11.40
C LEU B 27 17.75 -6.69 -10.16
N ASP B 28 18.31 -6.97 -8.99
CA ASP B 28 17.56 -6.86 -7.73
C ASP B 28 18.16 -5.80 -6.82
N SER B 29 18.66 -4.72 -7.39
CA SER B 29 19.27 -3.70 -6.55
C SER B 29 18.95 -2.29 -7.03
N PHE B 30 19.53 -1.30 -6.38
CA PHE B 30 19.30 0.09 -6.73
C PHE B 30 20.58 0.89 -6.70
N THR B 31 20.56 2.06 -7.34
CA THR B 31 21.73 2.93 -7.37
C THR B 31 21.45 4.19 -6.57
N LEU B 32 22.34 4.52 -5.66
CA LEU B 32 22.17 5.72 -4.86
C LEU B 32 22.83 6.90 -5.55
N ILE B 33 22.04 7.95 -5.78
CA ILE B 33 22.55 9.16 -6.42
C ILE B 33 22.46 10.25 -5.38
N MET B 34 23.61 10.84 -5.05
CA MET B 34 23.64 11.89 -4.06
C MET B 34 24.40 13.12 -4.57
N GLN B 35 23.77 14.27 -4.39
CA GLN B 35 24.30 15.56 -4.81
C GLN B 35 24.76 16.32 -3.56
N THR B 36 25.97 16.85 -3.59
CA THR B 36 26.51 17.59 -2.46
C THR B 36 27.20 18.89 -2.85
N TYR B 37 27.16 19.87 -1.95
CA TYR B 37 27.76 21.19 -2.18
C TYR B 37 28.08 21.84 -0.83
N ASN B 38 29.35 22.06 -0.53
CA ASN B 38 29.78 22.69 0.71
C ASN B 38 29.47 21.82 1.92
N ARG B 39 29.38 20.52 1.74
CA ARG B 39 29.10 19.58 2.82
C ARG B 39 29.92 18.32 2.61
N THR B 40 31.22 18.41 2.86
CA THR B 40 32.12 17.26 2.69
C THR B 40 32.18 16.33 3.88
N ASP B 41 32.51 16.86 5.05
CA ASP B 41 32.60 16.04 6.25
C ASP B 41 31.25 15.35 6.44
N LEU B 42 30.21 16.01 5.94
CA LEU B 42 28.85 15.49 6.02
C LEU B 42 28.71 14.31 5.07
N LEU B 43 29.02 14.58 3.79
CA LEU B 43 28.96 13.57 2.74
C LEU B 43 29.59 12.25 3.14
N LEU B 44 30.84 12.32 3.59
CA LEU B 44 31.56 11.14 4.00
C LEU B 44 30.87 10.37 5.11
N ARG B 45 30.25 11.09 6.04
CA ARG B 45 29.57 10.42 7.13
C ARG B 45 28.40 9.65 6.56
N LEU B 46 27.62 10.29 5.71
CA LEU B 46 26.48 9.65 5.07
C LEU B 46 26.93 8.42 4.30
N LEU B 47 27.96 8.59 3.47
CA LEU B 47 28.49 7.50 2.68
C LEU B 47 28.84 6.29 3.53
N ASN B 48 29.45 6.53 4.68
CA ASN B 48 29.83 5.42 5.56
C ASN B 48 28.59 4.62 5.91
N HIS B 49 27.49 5.34 6.07
CA HIS B 49 26.23 4.71 6.41
C HIS B 49 25.66 3.96 5.22
N TYR B 50 25.38 4.70 4.15
CA TYR B 50 24.78 4.13 2.95
C TYR B 50 25.52 2.99 2.27
N GLN B 51 26.85 3.04 2.26
CA GLN B 51 27.62 1.98 1.61
C GLN B 51 27.28 0.60 2.15
N ALA B 52 26.84 0.55 3.40
CA ALA B 52 26.49 -0.70 4.07
C ALA B 52 25.04 -1.17 3.92
N VAL B 53 24.22 -0.43 3.21
CA VAL B 53 22.82 -0.81 3.04
C VAL B 53 22.66 -1.95 2.04
N PRO B 54 21.92 -3.01 2.41
CA PRO B 54 21.70 -4.15 1.52
C PRO B 54 21.03 -3.76 0.20
N SER B 55 21.39 -4.46 -0.86
CA SER B 55 20.84 -4.23 -2.20
C SER B 55 21.35 -2.98 -2.89
N LEU B 56 22.30 -2.27 -2.27
CA LEU B 56 22.88 -1.08 -2.88
C LEU B 56 23.88 -1.58 -3.93
N HIS B 57 23.67 -1.22 -5.18
CA HIS B 57 24.54 -1.68 -6.24
C HIS B 57 25.70 -0.74 -6.54
N LYS B 58 25.48 0.56 -6.36
CA LYS B 58 26.52 1.53 -6.67
C LYS B 58 26.11 2.92 -6.19
N VAL B 59 27.10 3.78 -5.98
CA VAL B 59 26.81 5.14 -5.55
C VAL B 59 27.41 6.14 -6.53
N ILE B 60 26.64 7.17 -6.85
CA ILE B 60 27.07 8.22 -7.74
C ILE B 60 26.97 9.51 -6.95
N VAL B 61 28.12 10.14 -6.72
CA VAL B 61 28.19 11.37 -5.95
C VAL B 61 28.36 12.56 -6.87
N VAL B 62 27.26 13.24 -7.18
CA VAL B 62 27.31 14.40 -8.03
C VAL B 62 28.08 15.51 -7.32
N TRP B 63 29.34 15.67 -7.71
CA TRP B 63 30.25 16.66 -7.15
C TRP B 63 29.88 18.04 -7.72
N ASN B 64 29.14 18.82 -6.96
CA ASN B 64 28.70 20.14 -7.42
C ASN B 64 29.64 21.28 -7.06
N ASN B 65 30.68 20.97 -6.29
CA ASN B 65 31.65 21.97 -5.89
C ASN B 65 32.69 22.12 -7.01
N VAL B 66 32.37 22.95 -7.98
CA VAL B 66 33.26 23.20 -9.12
C VAL B 66 34.55 23.85 -8.64
N GLY B 67 35.61 23.68 -9.42
CA GLY B 67 36.89 24.26 -9.07
C GLY B 67 37.38 23.82 -7.70
N GLU B 68 36.90 22.68 -7.26
CA GLU B 68 37.28 22.13 -5.96
C GLU B 68 37.76 20.68 -6.11
N LYS B 69 38.78 20.32 -5.34
CA LYS B 69 39.34 18.97 -5.37
C LYS B 69 38.35 17.96 -4.81
N GLY B 70 37.95 17.01 -5.66
CA GLY B 70 37.00 15.99 -5.23
C GLY B 70 37.48 15.14 -4.06
N PRO B 71 36.55 14.71 -3.19
CA PRO B 71 36.90 13.89 -2.03
C PRO B 71 37.17 12.43 -2.39
N GLU B 72 37.26 12.15 -3.69
CA GLU B 72 37.51 10.78 -4.14
C GLU B 72 38.81 10.18 -3.63
N GLU B 73 39.88 10.97 -3.58
CA GLU B 73 41.16 10.48 -3.11
C GLU B 73 41.03 10.07 -1.65
N LEU B 74 40.35 10.91 -0.87
CA LEU B 74 40.15 10.64 0.55
C LEU B 74 39.30 9.38 0.72
N TRP B 75 38.19 9.31 -0.01
CA TRP B 75 37.32 8.15 0.06
C TRP B 75 38.08 6.86 -0.19
N ASN B 76 38.86 6.84 -1.28
CA ASN B 76 39.62 5.65 -1.62
C ASN B 76 40.66 5.32 -0.57
N SER B 77 41.28 6.34 0.00
CA SER B 77 42.30 6.13 1.03
C SER B 77 41.72 5.40 2.24
N LEU B 78 40.43 5.56 2.48
CA LEU B 78 39.78 4.89 3.62
C LEU B 78 39.09 3.59 3.23
N GLY B 79 39.45 3.04 2.06
CA GLY B 79 38.86 1.80 1.60
C GLY B 79 39.38 0.58 2.35
N PRO B 80 38.91 -0.63 2.01
CA PRO B 80 37.93 -0.93 0.95
C PRO B 80 36.50 -0.59 1.31
N HIS B 81 35.67 -0.47 0.27
CA HIS B 81 34.25 -0.15 0.43
C HIS B 81 33.44 -1.26 -0.24
N PRO B 82 32.22 -1.52 0.26
CA PRO B 82 31.33 -2.55 -0.28
C PRO B 82 30.95 -2.40 -1.74
N ILE B 83 30.77 -1.16 -2.20
CA ILE B 83 30.37 -0.92 -3.59
C ILE B 83 31.17 0.20 -4.24
N PRO B 84 31.10 0.28 -5.57
CA PRO B 84 31.84 1.34 -6.27
C PRO B 84 31.18 2.68 -5.99
N VAL B 85 31.99 3.72 -5.87
CA VAL B 85 31.46 5.06 -5.68
C VAL B 85 32.05 5.91 -6.78
N ILE B 86 31.19 6.45 -7.63
CA ILE B 86 31.61 7.27 -8.75
C ILE B 86 31.38 8.74 -8.44
N PHE B 87 32.48 9.49 -8.30
CA PHE B 87 32.39 10.91 -8.04
C PHE B 87 32.37 11.62 -9.39
N LYS B 88 31.44 12.56 -9.57
CA LYS B 88 31.35 13.27 -10.83
C LYS B 88 31.35 14.79 -10.70
N PRO B 89 32.47 15.44 -11.05
CA PRO B 89 32.51 16.90 -10.95
C PRO B 89 31.52 17.46 -11.97
N GLN B 90 30.79 18.49 -11.61
CA GLN B 90 29.80 19.07 -12.51
C GLN B 90 30.24 20.37 -13.16
N THR B 91 29.76 20.61 -14.38
CA THR B 91 30.08 21.82 -15.11
C THR B 91 29.83 23.05 -14.24
N ALA B 92 28.57 23.32 -13.94
CA ALA B 92 28.19 24.45 -13.11
C ALA B 92 27.74 23.96 -11.73
N ASN B 93 26.77 24.65 -11.14
CA ASN B 93 26.25 24.27 -9.84
C ASN B 93 24.72 24.24 -9.96
N LYS B 94 24.23 23.36 -10.84
CA LYS B 94 22.80 23.23 -11.08
C LYS B 94 22.10 22.16 -10.24
N MET B 95 20.79 22.32 -10.08
CA MET B 95 19.97 21.40 -9.30
C MET B 95 19.60 20.15 -10.10
N ARG B 96 19.16 20.36 -11.33
CA ARG B 96 18.77 19.25 -12.19
C ARG B 96 19.94 18.39 -12.66
N ASN B 97 21.12 18.64 -12.11
CA ASN B 97 22.31 17.88 -12.48
C ASN B 97 22.17 16.41 -12.08
N ARG B 98 21.63 16.18 -10.88
CA ARG B 98 21.42 14.81 -10.39
C ARG B 98 20.31 14.14 -11.20
N LEU B 99 19.49 14.95 -11.88
CA LEU B 99 18.42 14.42 -12.70
C LEU B 99 18.93 14.04 -14.10
N GLN B 100 20.24 14.14 -14.28
CA GLN B 100 20.84 13.76 -15.56
C GLN B 100 20.78 12.25 -15.70
N VAL B 101 21.10 11.77 -16.89
CA VAL B 101 21.12 10.35 -17.14
C VAL B 101 22.57 9.92 -17.09
N PHE B 102 22.98 9.36 -15.96
CA PHE B 102 24.36 8.92 -15.80
C PHE B 102 24.54 7.53 -16.39
N PRO B 103 25.47 7.40 -17.35
CA PRO B 103 25.71 6.10 -17.97
C PRO B 103 26.08 5.01 -16.97
N GLU B 104 26.67 5.38 -15.84
CA GLU B 104 27.05 4.38 -14.84
C GLU B 104 25.91 3.78 -14.00
N VAL B 105 24.68 4.24 -14.21
CA VAL B 105 23.52 3.70 -13.49
C VAL B 105 23.08 2.46 -14.26
N GLU B 106 23.23 1.29 -13.66
CA GLU B 106 22.86 0.04 -14.34
C GLU B 106 21.56 -0.56 -13.80
N THR B 107 21.11 -0.06 -12.65
CA THR B 107 19.89 -0.56 -12.04
C THR B 107 18.61 0.08 -12.56
N ASN B 108 17.50 -0.62 -12.40
CA ASN B 108 16.20 -0.12 -12.82
C ASN B 108 15.67 0.84 -11.76
N ALA B 109 16.19 0.73 -10.55
CA ALA B 109 15.77 1.59 -9.46
C ALA B 109 16.85 2.56 -9.02
N VAL B 110 16.45 3.80 -8.81
CA VAL B 110 17.39 4.81 -8.32
C VAL B 110 16.92 5.25 -6.94
N LEU B 111 17.87 5.51 -6.05
CA LEU B 111 17.57 5.98 -4.71
C LEU B 111 18.19 7.36 -4.63
N MET B 112 17.35 8.37 -4.47
CA MET B 112 17.84 9.74 -4.37
C MET B 112 17.71 10.24 -2.93
N VAL B 113 18.81 10.72 -2.38
CA VAL B 113 18.84 11.21 -1.00
C VAL B 113 19.66 12.48 -0.90
N ASP B 114 19.10 13.52 -0.28
CA ASP B 114 19.80 14.77 -0.10
C ASP B 114 21.01 14.52 0.79
N ASP B 115 22.06 15.31 0.59
CA ASP B 115 23.30 15.16 1.35
C ASP B 115 23.25 15.64 2.80
N ASP B 116 22.05 15.77 3.35
CA ASP B 116 21.87 16.21 4.73
C ASP B 116 20.84 15.31 5.41
N THR B 117 20.52 14.19 4.76
CA THR B 117 19.53 13.26 5.29
C THR B 117 20.06 11.86 5.54
N LEU B 118 19.77 11.33 6.72
CA LEU B 118 20.20 9.99 7.09
C LEU B 118 18.97 9.09 7.28
N ILE B 119 18.79 8.17 6.32
CA ILE B 119 17.67 7.24 6.33
C ILE B 119 18.20 5.88 6.76
N SER B 120 17.55 5.25 7.74
CA SER B 120 18.04 3.96 8.21
C SER B 120 18.01 2.87 7.16
N ALA B 121 18.85 1.86 7.34
CA ALA B 121 18.93 0.72 6.44
C ALA B 121 17.58 0.05 6.43
N GLN B 122 17.00 -0.11 7.63
CA GLN B 122 15.70 -0.75 7.77
C GLN B 122 14.66 -0.07 6.87
N ASP B 123 14.62 1.26 6.88
CA ASP B 123 13.66 1.98 6.05
C ASP B 123 13.93 1.78 4.56
N LEU B 124 15.19 1.82 4.18
CA LEU B 124 15.57 1.67 2.79
C LEU B 124 15.25 0.26 2.26
N VAL B 125 15.62 -0.75 3.01
CA VAL B 125 15.34 -2.12 2.61
C VAL B 125 13.83 -2.32 2.38
N PHE B 126 13.02 -1.77 3.29
CA PHE B 126 11.58 -1.92 3.17
C PHE B 126 10.99 -1.14 2.00
N ALA B 127 11.36 0.13 1.90
CA ALA B 127 10.86 0.99 0.84
C ALA B 127 11.27 0.45 -0.55
N PHE B 128 12.49 -0.07 -0.65
CA PHE B 128 12.93 -0.62 -1.93
C PHE B 128 12.04 -1.81 -2.31
N SER B 129 11.72 -2.66 -1.33
CA SER B 129 10.86 -3.81 -1.59
C SER B 129 9.47 -3.37 -2.01
N ILE B 130 9.06 -2.18 -1.57
CA ILE B 130 7.76 -1.65 -1.94
C ILE B 130 7.88 -1.14 -3.37
N TRP B 131 8.95 -0.40 -3.66
CA TRP B 131 9.14 0.10 -5.01
C TRP B 131 9.14 -1.04 -6.03
N GLN B 132 9.75 -2.18 -5.67
CA GLN B 132 9.79 -3.32 -6.59
C GLN B 132 8.40 -3.77 -7.02
N GLN B 133 7.41 -3.54 -6.16
CA GLN B 133 6.04 -3.93 -6.46
C GLN B 133 5.26 -2.82 -7.16
N PHE B 134 5.82 -1.62 -7.15
CA PHE B 134 5.21 -0.45 -7.79
C PHE B 134 6.34 0.32 -8.48
N PRO B 135 7.06 -0.34 -9.41
CA PRO B 135 8.19 0.17 -10.19
C PRO B 135 7.98 1.48 -10.93
N ASP B 136 6.74 1.73 -11.33
CA ASP B 136 6.42 2.95 -12.08
C ASP B 136 6.01 4.14 -11.21
N GLN B 137 6.11 4.01 -9.89
CA GLN B 137 5.76 5.12 -9.00
C GLN B 137 6.91 5.58 -8.11
N ILE B 138 6.80 6.79 -7.58
CA ILE B 138 7.80 7.36 -6.70
C ILE B 138 7.51 6.87 -5.28
N ILE B 139 8.36 6.00 -4.76
CA ILE B 139 8.18 5.47 -3.41
C ILE B 139 9.09 6.28 -2.50
N GLY B 140 8.49 7.01 -1.56
CA GLY B 140 9.30 7.84 -0.69
C GLY B 140 8.77 8.13 0.71
N PHE B 141 9.60 8.84 1.47
CA PHE B 141 9.30 9.18 2.84
C PHE B 141 8.81 10.59 3.12
N VAL B 142 8.74 11.44 2.11
CA VAL B 142 8.28 12.81 2.36
C VAL B 142 7.14 13.18 1.41
N PRO B 143 5.90 13.10 1.90
CA PRO B 143 4.70 13.41 1.13
C PRO B 143 4.33 14.88 1.20
N ARG B 144 3.81 15.40 0.08
CA ARG B 144 3.41 16.79 0.00
C ARG B 144 2.16 16.89 -0.87
N LYS B 145 1.56 18.07 -0.93
CA LYS B 145 0.36 18.23 -1.75
C LYS B 145 0.13 19.62 -2.32
N HIS B 146 -0.86 19.71 -3.19
CA HIS B 146 -1.25 20.98 -3.77
C HIS B 146 -2.70 21.21 -3.38
N VAL B 147 -3.08 22.45 -3.15
CA VAL B 147 -4.47 22.75 -2.81
C VAL B 147 -4.93 23.90 -3.70
N SER B 148 -6.25 24.12 -3.71
CA SER B 148 -6.84 25.17 -4.52
C SER B 148 -8.09 25.73 -3.84
N THR B 149 -8.15 27.04 -3.66
CA THR B 149 -9.30 27.69 -3.05
C THR B 149 -9.88 28.72 -4.01
N SER B 150 -9.35 28.72 -5.22
CA SER B 150 -9.81 29.60 -6.28
C SER B 150 -9.52 28.82 -7.57
N SER B 151 -10.52 28.73 -8.44
CA SER B 151 -10.40 27.99 -9.69
C SER B 151 -9.16 28.27 -10.53
N GLY B 152 -8.43 27.21 -10.84
CA GLY B 152 -7.25 27.33 -11.68
C GLY B 152 -5.95 27.71 -11.01
N ILE B 153 -6.02 28.25 -9.79
CA ILE B 153 -4.81 28.63 -9.06
C ILE B 153 -4.50 27.58 -8.01
N TYR B 154 -3.26 27.13 -7.98
CA TYR B 154 -2.85 26.11 -7.04
C TYR B 154 -1.75 26.60 -6.10
N SER B 155 -1.68 25.98 -4.93
CA SER B 155 -0.70 26.34 -3.91
C SER B 155 -0.02 25.07 -3.40
N TYR B 156 1.22 25.21 -2.92
CA TYR B 156 2.01 24.09 -2.43
C TYR B 156 2.10 24.01 -0.90
N GLY B 157 1.98 22.81 -0.36
CA GLY B 157 2.07 22.67 1.08
C GLY B 157 2.11 21.25 1.64
N GLY B 158 2.01 21.15 2.95
CA GLY B 158 2.03 19.85 3.60
C GLY B 158 0.78 19.65 4.46
N PHE B 159 0.96 19.01 5.61
CA PHE B 159 -0.19 18.73 6.46
C PHE B 159 -0.77 19.95 7.18
N GLU B 160 -0.07 21.09 7.13
CA GLU B 160 -0.59 22.31 7.76
C GLU B 160 -1.76 22.87 6.95
N LEU B 161 -1.95 22.35 5.74
CA LEU B 161 -3.03 22.81 4.85
C LEU B 161 -4.23 21.88 4.86
N GLN B 162 -5.41 22.48 4.74
CA GLN B 162 -6.66 21.74 4.73
C GLN B 162 -6.66 20.71 3.60
N THR B 163 -7.22 19.55 3.88
CA THR B 163 -7.30 18.50 2.89
C THR B 163 -8.24 18.89 1.74
N PRO B 164 -7.96 18.37 0.53
CA PRO B 164 -8.76 18.65 -0.67
C PRO B 164 -10.08 17.86 -0.70
N GLY B 165 -9.96 16.53 -0.61
CA GLY B 165 -11.13 15.68 -0.63
C GLY B 165 -12.16 16.10 0.42
N PRO B 166 -13.46 15.87 0.16
CA PRO B 166 -14.50 16.24 1.13
C PRO B 166 -14.57 15.26 2.30
N GLY B 167 -13.74 14.21 2.25
CA GLY B 167 -13.74 13.20 3.29
C GLY B 167 -12.74 13.31 4.42
N ASN B 168 -12.57 12.20 5.13
CA ASN B 168 -11.66 12.06 6.27
C ASN B 168 -10.18 12.25 5.95
N GLY B 169 -9.38 12.25 7.01
CA GLY B 169 -7.94 12.38 6.88
C GLY B 169 -7.44 13.49 5.97
N ASP B 170 -6.24 13.25 5.43
CA ASP B 170 -5.58 14.21 4.56
C ASP B 170 -5.23 13.51 3.24
N GLN B 171 -4.62 14.24 2.33
CA GLN B 171 -4.23 13.70 1.03
C GLN B 171 -2.85 14.23 0.67
N TYR B 172 -2.15 13.52 -0.21
CA TYR B 172 -0.86 13.98 -0.70
C TYR B 172 -0.90 13.68 -2.18
N SER B 173 -0.27 14.52 -2.98
CA SER B 173 -0.27 14.33 -4.43
C SER B 173 1.15 14.29 -4.97
N MET B 174 2.11 14.33 -4.06
CA MET B 174 3.51 14.31 -4.45
C MET B 174 4.36 13.63 -3.39
N VAL B 175 5.47 13.06 -3.82
CA VAL B 175 6.43 12.43 -2.94
C VAL B 175 7.73 13.05 -3.38
N LEU B 176 8.38 13.81 -2.51
CA LEU B 176 9.63 14.47 -2.87
C LEU B 176 10.69 13.42 -3.22
N ILE B 177 11.44 13.69 -4.29
CA ILE B 177 12.45 12.77 -4.75
C ILE B 177 13.72 12.74 -3.90
N GLY B 178 13.87 13.74 -3.04
CA GLY B 178 15.02 13.84 -2.18
C GLY B 178 15.20 12.70 -1.18
N ALA B 179 14.17 11.89 -0.99
CA ALA B 179 14.25 10.75 -0.09
C ALA B 179 13.31 9.70 -0.68
N SER B 180 13.64 9.21 -1.87
CA SER B 180 12.78 8.25 -2.54
C SER B 180 13.48 7.28 -3.47
N PHE B 181 12.68 6.32 -3.92
CA PHE B 181 13.09 5.30 -4.86
C PHE B 181 12.24 5.51 -6.10
N PHE B 182 12.86 5.52 -7.28
CA PHE B 182 12.08 5.65 -8.51
C PHE B 182 12.84 5.04 -9.69
N ASN B 183 12.11 4.76 -10.75
CA ASN B 183 12.67 4.13 -11.94
C ASN B 183 13.68 5.04 -12.62
N SER B 184 14.85 4.48 -12.93
CA SER B 184 15.90 5.25 -13.60
C SER B 184 15.45 5.75 -14.97
N LYS B 185 14.47 5.08 -15.57
CA LYS B 185 13.97 5.49 -16.88
C LYS B 185 13.38 6.91 -16.85
N TYR B 186 12.86 7.31 -15.69
CA TYR B 186 12.26 8.63 -15.55
C TYR B 186 13.25 9.76 -15.74
N LEU B 187 14.53 9.47 -15.52
CA LEU B 187 15.56 10.48 -15.70
C LEU B 187 15.72 10.72 -17.19
N GLU B 188 15.62 9.66 -17.98
CA GLU B 188 15.73 9.79 -19.42
C GLU B 188 14.45 10.48 -19.90
N LEU B 189 13.33 10.09 -19.32
CA LEU B 189 12.05 10.67 -19.71
C LEU B 189 12.02 12.16 -19.38
N PHE B 190 12.68 12.52 -18.27
CA PHE B 190 12.73 13.91 -17.86
C PHE B 190 13.46 14.76 -18.90
N GLN B 191 14.54 14.23 -19.47
CA GLN B 191 15.31 14.97 -20.47
C GLN B 191 14.49 15.33 -21.71
N LYS B 192 13.47 14.53 -22.01
CA LYS B 192 12.63 14.78 -23.18
C LYS B 192 11.49 15.74 -22.92
N GLN B 193 11.40 16.26 -21.71
CA GLN B 193 10.33 17.18 -21.36
C GLN B 193 10.49 18.52 -22.07
N PRO B 194 9.37 19.24 -22.32
CA PRO B 194 9.42 20.53 -23.00
C PRO B 194 10.49 21.44 -22.41
N ALA B 195 11.24 22.11 -23.29
CA ALA B 195 12.29 23.01 -22.86
C ALA B 195 11.74 24.00 -21.83
N ALA B 196 10.47 24.37 -22.00
CA ALA B 196 9.82 25.29 -21.08
C ALA B 196 10.04 24.83 -19.64
N VAL B 197 9.95 23.52 -19.44
CA VAL B 197 10.16 22.92 -18.13
C VAL B 197 11.62 23.04 -17.72
N HIS B 198 12.53 22.78 -18.65
CA HIS B 198 13.96 22.85 -18.39
C HIS B 198 14.33 24.26 -17.91
N ALA B 199 13.73 25.25 -18.54
CA ALA B 199 13.98 26.65 -18.19
C ALA B 199 13.53 26.89 -16.76
N LEU B 200 12.27 26.56 -16.49
CA LEU B 200 11.69 26.73 -15.16
C LEU B 200 12.61 26.17 -14.08
N ILE B 201 13.09 24.95 -14.28
CA ILE B 201 13.98 24.32 -13.30
C ILE B 201 15.21 25.19 -13.05
N ASP B 202 15.85 25.64 -14.13
CA ASP B 202 17.04 26.46 -14.00
C ASP B 202 16.70 27.85 -13.46
N GLU B 203 15.55 28.36 -13.86
CA GLU B 203 15.12 29.67 -13.42
C GLU B 203 14.93 29.74 -11.90
N THR B 204 14.50 28.64 -11.30
CA THR B 204 14.27 28.60 -9.85
C THR B 204 15.32 27.87 -9.03
N GLN B 205 16.25 27.20 -9.71
CA GLN B 205 17.30 26.43 -9.04
C GLN B 205 16.67 25.55 -7.97
N ASN B 206 15.46 25.07 -8.28
CA ASN B 206 14.69 24.23 -7.36
C ASN B 206 13.42 23.84 -8.12
N CYS B 207 12.55 23.05 -7.48
CA CYS B 207 11.30 22.63 -8.12
C CYS B 207 11.41 21.36 -8.96
N ASP B 208 12.60 20.80 -9.03
CA ASP B 208 12.82 19.58 -9.80
C ASP B 208 11.80 18.50 -9.47
N ASP B 209 11.71 18.11 -8.21
CA ASP B 209 10.75 17.07 -7.83
C ASP B 209 9.29 17.38 -8.18
N ILE B 210 8.93 18.64 -8.23
CA ILE B 210 7.56 18.99 -8.60
C ILE B 210 7.38 18.68 -10.08
N ALA B 211 8.45 18.86 -10.84
CA ALA B 211 8.40 18.57 -12.27
C ALA B 211 8.39 17.06 -12.46
N MET B 212 9.10 16.35 -11.61
CA MET B 212 9.16 14.90 -11.68
C MET B 212 7.80 14.27 -11.35
N ASN B 213 7.15 14.79 -10.31
CA ASN B 213 5.85 14.26 -9.93
C ASN B 213 4.86 14.44 -11.06
N PHE B 214 4.92 15.59 -11.74
CA PHE B 214 4.02 15.86 -12.88
C PHE B 214 4.32 14.79 -13.94
N LEU B 215 5.58 14.73 -14.35
CA LEU B 215 6.03 13.77 -15.34
C LEU B 215 5.51 12.35 -15.06
N VAL B 216 5.89 11.80 -13.91
CA VAL B 216 5.50 10.44 -13.53
C VAL B 216 3.99 10.16 -13.58
N THR B 217 3.19 11.07 -13.04
CA THR B 217 1.75 10.86 -13.05
C THR B 217 1.14 10.93 -14.46
N ARG B 218 1.66 11.79 -15.32
CA ARG B 218 1.14 11.89 -16.69
C ARG B 218 1.47 10.59 -17.41
N HIS B 219 2.64 10.06 -17.15
CA HIS B 219 3.10 8.82 -17.77
C HIS B 219 2.29 7.61 -17.31
N THR B 220 1.98 7.54 -16.03
CA THR B 220 1.26 6.39 -15.46
C THR B 220 -0.26 6.49 -15.35
N GLY B 221 -0.79 7.70 -15.24
CA GLY B 221 -2.22 7.83 -15.08
C GLY B 221 -2.60 7.49 -13.64
N LYS B 222 -1.58 7.37 -12.77
CA LYS B 222 -1.77 7.04 -11.36
C LYS B 222 -1.11 8.11 -10.47
N PRO B 223 -1.38 8.08 -9.16
CA PRO B 223 -0.75 9.07 -8.28
C PRO B 223 0.75 8.93 -8.54
N SER B 224 1.47 10.05 -8.61
CA SER B 224 2.89 9.98 -8.90
C SER B 224 3.70 9.15 -7.92
N GLY B 225 3.26 9.06 -6.67
CA GLY B 225 4.02 8.28 -5.72
C GLY B 225 3.22 7.63 -4.61
N ILE B 226 3.91 6.89 -3.76
CA ILE B 226 3.29 6.24 -2.60
C ILE B 226 4.11 6.58 -1.37
N PHE B 227 3.43 7.03 -0.33
CA PHE B 227 4.10 7.42 0.89
C PHE B 227 4.40 6.23 1.80
N VAL B 228 5.67 6.05 2.12
CA VAL B 228 6.10 4.99 3.01
C VAL B 228 6.57 5.72 4.27
N LYS B 229 5.87 5.49 5.37
CA LYS B 229 6.20 6.15 6.64
C LYS B 229 7.55 5.67 7.18
N PRO B 230 8.50 6.61 7.37
CA PRO B 230 9.84 6.29 7.88
C PRO B 230 9.82 5.97 9.37
N ILE B 231 10.60 4.96 9.78
CA ILE B 231 10.69 4.59 11.17
C ILE B 231 11.88 5.30 11.80
N ASN B 232 12.88 5.61 10.97
CA ASN B 232 14.06 6.27 11.47
C ASN B 232 14.80 7.04 10.37
N MET B 233 14.34 8.27 10.15
CA MET B 233 14.92 9.16 9.16
C MET B 233 15.22 10.47 9.87
N VAL B 234 16.48 10.90 9.76
CA VAL B 234 16.90 12.12 10.42
C VAL B 234 17.62 13.11 9.51
N ASN B 235 17.31 14.39 9.69
CA ASN B 235 17.94 15.45 8.91
C ASN B 235 19.00 16.10 9.79
N LEU B 236 20.27 15.95 9.40
CA LEU B 236 21.37 16.51 10.16
C LEU B 236 21.39 18.05 10.08
N GLU B 251 12.86 23.82 1.39
CA GLU B 251 11.85 23.96 0.35
C GLU B 251 11.48 25.43 0.21
N HIS B 252 11.50 25.94 -1.01
CA HIS B 252 11.10 27.31 -1.24
C HIS B 252 9.62 27.23 -1.53
N PHE B 253 8.83 27.10 -0.46
CA PHE B 253 7.38 26.98 -0.55
C PHE B 253 6.76 27.90 -1.59
N LEU B 254 7.08 29.19 -1.49
CA LEU B 254 6.53 30.15 -2.42
C LEU B 254 6.93 29.84 -3.86
N GLN B 255 8.20 29.51 -4.09
CA GLN B 255 8.62 29.18 -5.45
C GLN B 255 7.96 27.88 -5.86
N ARG B 256 7.77 26.98 -4.89
CA ARG B 256 7.12 25.70 -5.15
C ARG B 256 5.72 25.95 -5.70
N SER B 257 4.96 26.82 -5.06
CA SER B 257 3.61 27.13 -5.52
C SER B 257 3.73 27.70 -6.92
N TYR B 258 4.58 28.71 -7.06
CA TYR B 258 4.83 29.36 -8.34
C TYR B 258 5.07 28.32 -9.43
N CYS B 259 5.99 27.38 -9.16
CA CYS B 259 6.32 26.34 -10.12
C CYS B 259 5.11 25.49 -10.52
N ILE B 260 4.25 25.17 -9.56
CA ILE B 260 3.07 24.37 -9.87
C ILE B 260 2.19 25.05 -10.93
N ASN B 261 1.92 26.33 -10.73
CA ASN B 261 1.09 27.08 -11.65
C ASN B 261 1.77 27.21 -13.01
N LYS B 262 3.07 27.46 -13.00
CA LYS B 262 3.83 27.57 -14.24
C LYS B 262 3.66 26.26 -15.00
N LEU B 263 4.01 25.17 -14.32
CA LEU B 263 3.92 23.81 -14.88
C LEU B 263 2.53 23.50 -15.41
N VAL B 264 1.51 23.98 -14.74
CA VAL B 264 0.15 23.74 -15.18
C VAL B 264 -0.05 24.34 -16.56
N ASN B 265 0.55 25.49 -16.82
CA ASN B 265 0.44 26.12 -18.15
C ASN B 265 1.12 25.21 -19.16
N ILE B 266 2.42 25.01 -18.96
CA ILE B 266 3.24 24.17 -19.83
C ILE B 266 2.53 22.89 -20.22
N TYR B 267 2.12 22.12 -19.22
CA TYR B 267 1.42 20.85 -19.47
C TYR B 267 -0.05 21.03 -19.74
N ASP B 268 -0.49 22.29 -19.75
CA ASP B 268 -1.87 22.63 -20.01
C ASP B 268 -2.84 21.84 -19.11
N GLY B 269 -2.68 21.99 -17.81
CA GLY B 269 -3.54 21.28 -16.87
C GLY B 269 -2.83 20.80 -15.61
N MET B 270 -3.61 20.39 -14.61
CA MET B 270 -3.07 19.88 -13.36
C MET B 270 -3.29 18.36 -13.36
N PRO B 271 -2.23 17.59 -13.56
CA PRO B 271 -2.31 16.12 -13.59
C PRO B 271 -2.14 15.38 -12.26
N LEU B 272 -1.62 16.06 -11.25
CA LEU B 272 -1.41 15.41 -9.96
C LEU B 272 -2.69 14.79 -9.40
N LYS B 273 -2.56 13.54 -8.95
CA LYS B 273 -3.68 12.81 -8.37
C LYS B 273 -3.47 12.61 -6.88
N TYR B 274 -4.52 12.86 -6.11
CA TYR B 274 -4.45 12.70 -4.67
C TYR B 274 -4.46 11.24 -4.26
N SER B 275 -3.90 10.98 -3.08
CA SER B 275 -3.82 9.65 -2.54
C SER B 275 -3.74 9.74 -1.02
N ASN B 276 -4.39 8.82 -0.32
CA ASN B 276 -4.31 8.83 1.13
C ASN B 276 -3.74 7.49 1.63
N ILE B 277 -2.99 6.83 0.75
CA ILE B 277 -2.37 5.56 1.11
C ILE B 277 -1.04 5.80 1.83
N MET B 278 -0.93 5.27 3.04
CA MET B 278 0.30 5.37 3.82
C MET B 278 0.72 3.95 4.16
N ILE B 279 1.86 3.53 3.65
CA ILE B 279 2.35 2.17 3.91
C ILE B 279 3.36 2.09 5.05
N SER B 280 3.18 1.08 5.89
CA SER B 280 4.08 0.80 7.01
C SER B 280 4.45 -0.65 6.90
N GLN B 281 5.53 -1.04 7.57
CA GLN B 281 5.96 -2.42 7.52
C GLN B 281 5.26 -3.23 8.60
N PHE B 282 4.59 -4.29 8.17
CA PHE B 282 3.85 -5.16 9.08
C PHE B 282 4.80 -5.81 10.12
N GLY B 283 4.52 -5.56 11.39
CA GLY B 283 5.32 -6.15 12.45
C GLY B 283 6.65 -5.48 12.76
N PHE B 284 6.84 -4.27 12.25
CA PHE B 284 8.08 -3.55 12.50
C PHE B 284 7.77 -2.07 12.63
N PRO B 285 7.77 -1.53 13.87
CA PRO B 285 8.04 -2.21 15.14
C PRO B 285 7.07 -3.35 15.43
N TYR B 286 7.52 -4.25 16.31
CA TYR B 286 6.75 -5.40 16.74
C TYR B 286 5.33 -5.05 17.24
N ALA B 287 4.35 -5.87 16.84
CA ALA B 287 2.94 -5.69 17.24
C ALA B 287 2.32 -4.35 16.80
N ASN B 288 2.92 -3.69 15.82
CA ASN B 288 2.41 -2.41 15.35
C ASN B 288 1.08 -2.52 14.59
N HIS B 289 0.65 -3.74 14.33
CA HIS B 289 -0.60 -3.97 13.60
C HIS B 289 -1.85 -3.84 14.46
N LYS B 290 -1.69 -3.92 15.77
CA LYS B 290 -2.84 -3.77 16.65
C LYS B 290 -2.72 -2.51 17.50
#